data_5RZS
#
_entry.id   5RZS
#
_cell.length_a   38.600
_cell.length_b   77.270
_cell.length_c   100.000
_cell.angle_alpha   90.000
_cell.angle_beta   90.000
_cell.angle_gamma   90.000
#
_symmetry.space_group_name_H-M   'P 21 21 21'
#
loop_
_entity.id
_entity.type
_entity.pdbx_description
1 polymer 'Isoform 2 of Band 4.1-like protein 3'
2 non-polymer 1-(3-fluoro-4-methylphenyl)methanesulfonamide
3 non-polymer 'DIMETHYL SULFOXIDE'
4 non-polymer 1,2-ETHANEDIOL
5 water water
#
_entity_poly.entity_id   1
_entity_poly.type   'polypeptide(L)'
_entity_poly.pdbx_seq_one_letter_code
;SMPKSMQCKVILLDGSEYTCDVEKRSRGQVLFDKVCEHLNLLEKDYFGLTYRDAENQKNWLDPAKEIKKQVRSGAWHFSF
NVKFYPPDPAQLSEDITRYYLCLQLRDDIVSGRLPCSFVTLALLGSYTVQSELGDYDPDECGSDYISEFRFAPNHTKELE
DKVIELHKSHRGMTPAEAEMHFLENAKKLSMYGVDLHHAKDSEGVEIMLGVCASGLLIYRDRLRINRFAWPKVLKISYKR
NNFYIKIRPGEFEQFESTIGFKLPNHRAAKRLWKVCVEHHTFFRLL
;
_entity_poly.pdbx_strand_id   A
#
# COMPACT_ATOMS: atom_id res chain seq x y z
N PRO A 3 -0.07 -27.48 -24.20
CA PRO A 3 -0.34 -26.29 -23.36
C PRO A 3 0.69 -25.17 -23.57
N LYS A 4 0.23 -24.01 -24.05
CA LYS A 4 1.15 -22.86 -24.32
C LYS A 4 1.25 -22.01 -23.05
N SER A 5 2.48 -21.71 -22.62
N SER A 5 2.50 -21.78 -22.61
CA SER A 5 2.75 -20.99 -21.36
CA SER A 5 2.87 -21.01 -21.40
C SER A 5 3.45 -19.65 -21.62
C SER A 5 3.22 -19.57 -21.80
N MET A 6 3.07 -18.63 -20.86
CA MET A 6 3.58 -17.25 -21.00
C MET A 6 4.57 -17.01 -19.85
N GLN A 7 5.69 -16.36 -20.13
CA GLN A 7 6.67 -16.04 -19.09
C GLN A 7 6.14 -14.83 -18.31
N CYS A 8 6.22 -14.89 -16.97
CA CYS A 8 5.82 -13.77 -16.09
C CYS A 8 7.04 -13.30 -15.34
N LYS A 9 7.21 -11.97 -15.22
CA LYS A 9 8.27 -11.35 -14.40
C LYS A 9 7.60 -10.51 -13.31
N VAL A 10 7.96 -10.79 -12.06
CA VAL A 10 7.36 -10.13 -10.86
C VAL A 10 8.45 -9.43 -10.08
N ILE A 11 8.31 -8.13 -9.89
CA ILE A 11 9.21 -7.38 -8.99
C ILE A 11 8.70 -7.63 -7.56
N LEU A 12 9.58 -8.22 -6.75
CA LEU A 12 9.36 -8.49 -5.32
C LEU A 12 9.71 -7.25 -4.50
N LEU A 13 9.26 -7.28 -3.25
CA LEU A 13 9.32 -6.09 -2.39
C LEU A 13 10.76 -5.81 -1.94
N ASP A 14 11.65 -6.79 -2.03
CA ASP A 14 13.11 -6.57 -1.79
C ASP A 14 13.79 -6.05 -3.06
N GLY A 15 13.03 -5.80 -4.14
CA GLY A 15 13.54 -5.22 -5.40
C GLY A 15 14.04 -6.27 -6.38
N SER A 16 14.13 -7.53 -5.98
CA SER A 16 14.54 -8.67 -6.85
C SER A 16 13.38 -9.05 -7.81
N GLU A 17 13.71 -9.83 -8.84
CA GLU A 17 12.80 -10.24 -9.95
C GLU A 17 12.58 -11.76 -9.86
N TYR A 18 11.34 -12.21 -9.73
CA TYR A 18 10.96 -13.64 -9.82
C TYR A 18 10.39 -13.84 -11.22
N THR A 19 10.82 -14.90 -11.89
CA THR A 19 10.34 -15.30 -13.24
C THR A 19 9.70 -16.67 -13.11
N CYS A 20 8.52 -16.84 -13.67
CA CYS A 20 7.89 -18.16 -13.82
C CYS A 20 7.05 -18.18 -15.09
N ASP A 21 6.43 -19.31 -15.36
CA ASP A 21 5.57 -19.51 -16.54
C ASP A 21 4.20 -19.94 -16.01
N VAL A 22 3.14 -19.48 -16.66
CA VAL A 22 1.77 -20.00 -16.48
C VAL A 22 1.17 -20.28 -17.85
N GLU A 23 0.19 -21.16 -17.90
CA GLU A 23 -0.58 -21.40 -19.15
C GLU A 23 -1.18 -20.07 -19.57
N LYS A 24 -1.18 -19.76 -20.88
CA LYS A 24 -1.55 -18.41 -21.39
C LYS A 24 -2.98 -18.01 -20.97
N ARG A 25 -3.91 -18.95 -20.73
CA ARG A 25 -5.32 -18.61 -20.34
C ARG A 25 -5.50 -18.59 -18.81
N SER A 26 -4.41 -18.68 -18.07
CA SER A 26 -4.43 -18.66 -16.58
C SER A 26 -5.11 -17.39 -16.03
N ARG A 27 -5.90 -17.60 -14.98
CA ARG A 27 -6.40 -16.56 -14.06
C ARG A 27 -5.27 -16.02 -13.18
N GLY A 28 -5.42 -14.80 -12.71
CA GLY A 28 -4.43 -14.14 -11.84
C GLY A 28 -4.02 -15.01 -10.67
N GLN A 29 -4.98 -15.74 -10.08
CA GLN A 29 -4.72 -16.51 -8.83
C GLN A 29 -3.59 -17.51 -9.07
N VAL A 30 -3.50 -18.08 -10.28
CA VAL A 30 -2.47 -19.10 -10.60
C VAL A 30 -1.09 -18.46 -10.40
N LEU A 31 -0.83 -17.29 -11.01
CA LEU A 31 0.45 -16.59 -10.86
C LEU A 31 0.68 -16.19 -9.40
N PHE A 32 -0.35 -15.66 -8.78
CA PHE A 32 -0.23 -15.17 -7.39
C PHE A 32 0.18 -16.33 -6.47
N ASP A 33 -0.44 -17.49 -6.64
CA ASP A 33 -0.14 -18.69 -5.81
C ASP A 33 1.36 -19.01 -5.98
N LYS A 34 1.87 -19.00 -7.22
CA LYS A 34 3.32 -19.28 -7.47
C LYS A 34 4.20 -18.27 -6.76
N VAL A 35 3.87 -16.98 -6.83
CA VAL A 35 4.68 -15.96 -6.16
C VAL A 35 4.66 -16.20 -4.63
N CYS A 36 3.49 -16.39 -4.04
CA CYS A 36 3.34 -16.57 -2.58
C CYS A 36 4.08 -17.84 -2.13
N GLU A 37 4.02 -18.93 -2.91
CA GLU A 37 4.82 -20.14 -2.56
C GLU A 37 6.32 -19.80 -2.59
N HIS A 38 6.82 -19.13 -3.63
CA HIS A 38 8.21 -18.63 -3.68
C HIS A 38 8.56 -17.81 -2.41
N LEU A 39 7.63 -16.98 -1.91
CA LEU A 39 7.90 -16.06 -0.77
C LEU A 39 7.65 -16.77 0.57
N ASN A 40 7.15 -18.01 0.58
CA ASN A 40 6.78 -18.77 1.79
C ASN A 40 5.72 -18.00 2.59
N LEU A 41 4.77 -17.41 1.88
CA LEU A 41 3.72 -16.53 2.48
C LEU A 41 2.42 -17.31 2.59
N LEU A 42 1.89 -17.41 3.81
CA LEU A 42 0.58 -18.08 4.07
C LEU A 42 -0.57 -17.08 4.21
N GLU A 43 -0.32 -15.94 4.84
CA GLU A 43 -1.36 -14.90 5.01
C GLU A 43 -1.43 -14.10 3.70
N LYS A 44 -1.86 -14.75 2.62
CA LYS A 44 -1.74 -14.28 1.21
C LYS A 44 -2.73 -13.13 0.90
N ASP A 45 -3.88 -13.08 1.58
CA ASP A 45 -5.04 -12.31 1.08
C ASP A 45 -4.87 -10.81 1.41
N TYR A 46 -3.85 -10.43 2.20
CA TYR A 46 -3.47 -9.00 2.39
C TYR A 46 -2.81 -8.46 1.13
N PHE A 47 -2.29 -9.35 0.27
CA PHE A 47 -1.35 -8.99 -0.82
C PHE A 47 -2.01 -9.18 -2.20
N GLY A 48 -1.32 -8.71 -3.23
CA GLY A 48 -1.81 -8.86 -4.59
C GLY A 48 -0.71 -8.53 -5.55
N LEU A 49 -1.01 -8.70 -6.84
CA LEU A 49 -0.11 -8.28 -7.91
C LEU A 49 -0.66 -7.05 -8.60
N THR A 50 0.24 -6.14 -8.94
CA THR A 50 -0.10 -4.99 -9.79
C THR A 50 0.57 -5.12 -11.15
N TYR A 51 0.08 -4.39 -12.13
CA TYR A 51 0.81 -4.17 -13.41
C TYR A 51 0.64 -2.71 -13.78
N ARG A 52 1.46 -2.23 -14.72
CA ARG A 52 1.36 -0.87 -15.31
C ARG A 52 0.75 -0.97 -16.71
N ASP A 53 -0.26 -0.16 -17.01
CA ASP A 53 -0.82 -0.03 -18.37
C ASP A 53 -0.03 1.02 -19.15
N ALA A 54 -0.47 1.35 -20.36
CA ALA A 54 0.24 2.26 -21.31
C ALA A 54 0.42 3.65 -20.70
N GLU A 55 -0.52 4.09 -19.84
CA GLU A 55 -0.43 5.38 -19.12
C GLU A 55 0.57 5.23 -17.96
N ASN A 56 1.11 4.02 -17.80
CA ASN A 56 1.98 3.59 -16.67
C ASN A 56 1.25 3.83 -15.34
N GLN A 57 -0.07 3.64 -15.31
CA GLN A 57 -0.86 3.64 -14.04
C GLN A 57 -0.86 2.22 -13.46
N LYS A 58 -0.81 2.09 -12.13
CA LYS A 58 -0.88 0.79 -11.43
C LYS A 58 -2.34 0.30 -11.48
N ASN A 59 -2.52 -1.00 -11.71
CA ASN A 59 -3.83 -1.70 -11.69
C ASN A 59 -3.65 -2.98 -10.86
N TRP A 60 -4.64 -3.38 -10.04
CA TRP A 60 -4.58 -4.66 -9.33
C TRP A 60 -4.91 -5.76 -10.35
N LEU A 61 -4.11 -6.79 -10.41
CA LEU A 61 -4.44 -7.99 -11.19
C LEU A 61 -5.55 -8.72 -10.44
N ASP A 62 -6.73 -8.77 -11.04
CA ASP A 62 -7.89 -9.51 -10.48
C ASP A 62 -7.58 -11.00 -10.51
N PRO A 63 -7.48 -11.68 -9.35
CA PRO A 63 -7.13 -13.09 -9.30
C PRO A 63 -8.17 -13.98 -9.98
N ALA A 64 -9.41 -13.51 -10.08
CA ALA A 64 -10.55 -14.30 -10.60
C ALA A 64 -10.64 -14.18 -12.12
N LYS A 65 -9.89 -13.26 -12.76
CA LYS A 65 -10.01 -13.04 -14.22
C LYS A 65 -8.76 -13.53 -14.95
N GLU A 66 -8.89 -13.85 -16.23
CA GLU A 66 -7.74 -14.25 -17.07
C GLU A 66 -6.70 -13.13 -17.00
N ILE A 67 -5.43 -13.50 -16.86
CA ILE A 67 -4.32 -12.52 -16.92
C ILE A 67 -4.35 -11.80 -18.27
N LYS A 68 -4.52 -12.55 -19.36
CA LYS A 68 -4.42 -11.96 -20.73
C LYS A 68 -5.53 -10.92 -20.95
N LYS A 69 -6.70 -11.05 -20.32
CA LYS A 69 -7.81 -10.07 -20.56
C LYS A 69 -7.60 -8.82 -19.71
N GLN A 70 -6.54 -8.81 -18.89
CA GLN A 70 -6.24 -7.64 -18.03
C GLN A 70 -5.01 -6.93 -18.59
N VAL A 71 -3.91 -7.66 -18.81
CA VAL A 71 -2.67 -7.00 -19.33
C VAL A 71 -2.90 -6.62 -20.81
N ARG A 72 -3.75 -7.37 -21.51
CA ARG A 72 -4.23 -7.06 -22.89
C ARG A 72 -3.00 -6.92 -23.78
N SER A 73 -2.63 -5.71 -24.19
CA SER A 73 -1.54 -5.49 -25.17
C SER A 73 -0.17 -5.37 -24.49
N GLY A 74 -0.13 -5.25 -23.15
CA GLY A 74 1.08 -5.00 -22.33
C GLY A 74 1.94 -6.24 -22.05
N ALA A 75 3.14 -6.00 -21.53
CA ALA A 75 4.11 -7.03 -21.09
C ALA A 75 3.54 -7.75 -19.89
N TRP A 76 3.88 -9.03 -19.72
CA TRP A 76 3.46 -9.81 -18.53
C TRP A 76 4.48 -9.54 -17.39
N HIS A 77 4.47 -8.29 -16.95
CA HIS A 77 5.39 -7.75 -15.95
C HIS A 77 4.52 -7.25 -14.80
N PHE A 78 4.83 -7.66 -13.60
CA PHE A 78 3.96 -7.38 -12.43
C PHE A 78 4.83 -6.94 -11.26
N SER A 79 4.18 -6.36 -10.24
CA SER A 79 4.81 -6.15 -8.91
C SER A 79 3.99 -6.85 -7.84
N PHE A 80 4.67 -7.31 -6.81
CA PHE A 80 4.04 -7.89 -5.61
C PHE A 80 3.91 -6.78 -4.59
N ASN A 81 2.70 -6.57 -4.09
CA ASN A 81 2.39 -5.42 -3.21
C ASN A 81 1.37 -5.77 -2.14
N VAL A 82 1.44 -4.99 -1.08
CA VAL A 82 0.33 -5.01 -0.07
C VAL A 82 -0.90 -4.37 -0.72
N LYS A 83 -2.02 -5.07 -0.64
CA LYS A 83 -3.33 -4.56 -1.12
C LYS A 83 -4.14 -4.07 0.08
N PHE A 84 -4.24 -4.86 1.13
CA PHE A 84 -5.04 -4.51 2.35
C PHE A 84 -4.04 -4.34 3.49
N TYR A 85 -3.81 -3.10 3.92
CA TYR A 85 -2.89 -2.79 5.05
C TYR A 85 -3.59 -3.15 6.36
N PRO A 86 -3.05 -4.13 7.12
CA PRO A 86 -3.67 -4.54 8.38
C PRO A 86 -3.70 -3.39 9.38
N PRO A 87 -4.88 -3.02 9.92
CA PRO A 87 -4.97 -1.94 10.90
C PRO A 87 -4.17 -2.30 12.16
N ASP A 88 -4.04 -3.58 12.45
CA ASP A 88 -3.31 -4.04 13.67
C ASP A 88 -2.31 -5.13 13.30
N PRO A 89 -1.11 -4.77 12.81
CA PRO A 89 -0.16 -5.79 12.35
C PRO A 89 0.29 -6.77 13.44
N ALA A 90 0.17 -6.40 14.73
CA ALA A 90 0.49 -7.32 15.86
C ALA A 90 -0.42 -8.54 15.78
N GLN A 91 -1.57 -8.42 15.16
CA GLN A 91 -2.55 -9.52 15.16
C GLN A 91 -2.30 -10.42 13.96
N LEU A 92 -1.40 -10.09 13.03
CA LEU A 92 -1.03 -11.09 11.99
C LEU A 92 -0.44 -12.34 12.66
N SER A 93 -0.70 -13.50 12.09
CA SER A 93 -0.28 -14.76 12.72
C SER A 93 1.21 -15.02 12.48
N GLU A 94 1.83 -14.47 11.42
CA GLU A 94 3.21 -14.87 11.09
C GLU A 94 4.16 -13.67 11.00
N ASP A 95 5.36 -13.84 11.54
CA ASP A 95 6.42 -12.83 11.43
C ASP A 95 6.68 -12.60 9.94
N ILE A 96 6.66 -13.64 9.10
CA ILE A 96 7.07 -13.40 7.69
C ILE A 96 6.06 -12.45 7.03
N THR A 97 4.81 -12.44 7.48
CA THR A 97 3.79 -11.52 6.95
C THR A 97 4.18 -10.09 7.35
N ARG A 98 4.57 -9.91 8.60
CA ARG A 98 4.93 -8.55 9.10
C ARG A 98 6.17 -8.07 8.35
N TYR A 99 7.08 -8.98 8.04
CA TYR A 99 8.32 -8.67 7.29
C TYR A 99 7.98 -8.09 5.93
N TYR A 100 7.14 -8.76 5.16
CA TYR A 100 6.77 -8.24 3.81
C TYR A 100 6.03 -6.93 3.97
N LEU A 101 5.18 -6.80 5.01
CA LEU A 101 4.49 -5.52 5.18
C LEU A 101 5.50 -4.40 5.44
N CYS A 102 6.55 -4.64 6.25
CA CYS A 102 7.64 -3.69 6.49
C CYS A 102 8.28 -3.30 5.15
N LEU A 103 8.56 -4.27 4.28
CA LEU A 103 9.28 -3.93 3.03
C LEU A 103 8.39 -2.99 2.22
N GLN A 104 7.10 -3.29 2.13
CA GLN A 104 6.14 -2.44 1.37
C GLN A 104 6.15 -1.03 1.99
N LEU A 105 6.05 -0.94 3.31
CA LEU A 105 5.98 0.37 4.00
C LEU A 105 7.27 1.18 3.77
N ARG A 106 8.41 0.53 3.77
CA ARG A 106 9.69 1.21 3.48
C ARG A 106 9.62 1.88 2.11
N ASP A 107 9.01 1.24 1.12
CA ASP A 107 8.85 1.83 -0.25
C ASP A 107 7.79 2.92 -0.22
N ASP A 108 6.71 2.73 0.53
CA ASP A 108 5.65 3.75 0.73
C ASP A 108 6.32 5.02 1.27
N ILE A 109 7.29 4.88 2.17
CA ILE A 109 7.95 6.05 2.80
C ILE A 109 8.91 6.71 1.79
N VAL A 110 9.79 5.93 1.18
CA VAL A 110 10.90 6.48 0.33
C VAL A 110 10.23 7.20 -0.85
N SER A 111 9.08 6.67 -1.30
CA SER A 111 8.37 7.16 -2.49
C SER A 111 7.63 8.47 -2.19
N GLY A 112 7.35 8.77 -0.92
CA GLY A 112 6.54 9.93 -0.48
C GLY A 112 5.06 9.65 -0.44
N ARG A 113 4.58 8.42 -0.71
CA ARG A 113 3.15 8.06 -0.55
C ARG A 113 2.73 8.10 0.92
N LEU A 114 3.65 7.80 1.84
CA LEU A 114 3.39 7.78 3.29
C LEU A 114 4.21 8.87 3.98
N PRO A 115 3.67 10.09 4.14
CA PRO A 115 4.45 11.17 4.73
C PRO A 115 4.75 10.87 6.18
N CYS A 116 5.86 11.45 6.65
N CYS A 116 5.98 11.19 6.61
CA CYS A 116 6.51 11.08 7.91
CA CYS A 116 6.48 11.05 7.99
C CYS A 116 7.36 12.24 8.43
C CYS A 116 7.22 12.32 8.40
N SER A 117 7.21 12.61 9.70
CA SER A 117 8.08 13.63 10.35
C SER A 117 9.52 13.14 10.32
N PHE A 118 10.46 14.05 10.46
CA PHE A 118 11.89 13.76 10.62
C PHE A 118 12.10 12.67 11.66
N VAL A 119 11.52 12.80 12.85
CA VAL A 119 11.83 11.84 13.93
C VAL A 119 11.24 10.46 13.59
N THR A 120 10.04 10.39 13.04
CA THR A 120 9.47 9.11 12.59
C THR A 120 10.33 8.51 11.47
N LEU A 121 10.81 9.30 10.50
CA LEU A 121 11.72 8.75 9.48
C LEU A 121 12.92 8.09 10.14
N ALA A 122 13.54 8.79 11.10
CA ALA A 122 14.74 8.30 11.80
C ALA A 122 14.43 7.05 12.64
N LEU A 123 13.32 7.06 13.37
CA LEU A 123 12.94 5.92 14.21
C LEU A 123 12.66 4.67 13.35
N LEU A 124 11.82 4.78 12.34
CA LEU A 124 11.56 3.69 11.39
C LEU A 124 12.88 3.22 10.75
N GLY A 125 13.71 4.14 10.27
CA GLY A 125 15.01 3.77 9.72
C GLY A 125 15.84 2.97 10.74
N SER A 126 15.87 3.41 12.01
CA SER A 126 16.68 2.75 13.07
C SER A 126 16.19 1.31 13.26
N TYR A 127 14.87 1.06 13.22
CA TYR A 127 14.34 -0.34 13.40
C TYR A 127 14.72 -1.20 12.17
N THR A 128 14.70 -0.63 11.00
CA THR A 128 15.07 -1.33 9.74
C THR A 128 16.54 -1.74 9.86
N VAL A 129 17.41 -0.81 10.27
CA VAL A 129 18.86 -1.13 10.41
C VAL A 129 19.00 -2.25 11.44
N GLN A 130 18.29 -2.17 12.57
CA GLN A 130 18.43 -3.18 13.65
C GLN A 130 18.04 -4.54 13.07
N SER A 131 16.91 -4.59 12.35
N SER A 131 16.95 -4.58 12.30
CA SER A 131 16.41 -5.83 11.71
CA SER A 131 16.36 -5.80 11.68
C SER A 131 17.45 -6.35 10.70
C SER A 131 17.24 -6.33 10.54
N GLU A 132 18.00 -5.46 9.87
CA GLU A 132 18.84 -5.85 8.69
C GLU A 132 20.27 -6.20 9.13
N LEU A 133 20.88 -5.43 10.04
CA LEU A 133 22.31 -5.58 10.43
C LEU A 133 22.48 -6.05 11.87
N GLY A 134 21.44 -6.06 12.70
CA GLY A 134 21.63 -6.39 14.12
C GLY A 134 22.16 -5.20 14.89
N ASP A 135 22.84 -5.49 16.01
CA ASP A 135 23.31 -4.52 17.02
C ASP A 135 24.22 -3.49 16.36
N TYR A 136 24.11 -2.26 16.85
CA TYR A 136 24.98 -1.14 16.44
C TYR A 136 26.45 -1.56 16.59
N ASP A 137 27.21 -1.30 15.54
CA ASP A 137 28.68 -1.55 15.44
C ASP A 137 29.36 -0.26 14.99
N PRO A 138 30.14 0.40 15.88
CA PRO A 138 30.91 1.58 15.49
C PRO A 138 31.88 1.40 14.31
N ASP A 139 32.38 0.16 14.10
CA ASP A 139 33.44 -0.20 13.12
C ASP A 139 33.02 0.21 11.70
N GLU A 140 31.75 0.02 11.35
CA GLU A 140 31.20 0.34 10.00
C GLU A 140 30.25 1.54 10.11
N CYS A 141 30.65 2.56 10.86
CA CYS A 141 29.89 3.83 11.06
C CYS A 141 30.80 4.92 11.64
N GLY A 142 31.48 5.67 10.77
CA GLY A 142 32.26 6.87 11.13
C GLY A 142 31.36 8.10 11.18
N SER A 143 31.89 9.21 11.71
CA SER A 143 31.16 10.50 11.86
C SER A 143 30.58 10.94 10.50
N ASP A 144 31.01 10.30 9.41
CA ASP A 144 30.64 10.67 8.02
C ASP A 144 29.77 9.59 7.39
N TYR A 145 29.33 8.60 8.17
CA TYR A 145 28.63 7.38 7.68
C TYR A 145 27.33 7.75 6.94
N ILE A 146 27.06 7.05 5.84
CA ILE A 146 25.78 7.13 5.07
C ILE A 146 25.34 5.68 4.77
N SER A 147 24.14 5.30 5.24
CA SER A 147 23.60 3.92 5.15
C SER A 147 23.28 3.59 3.70
N GLU A 148 23.41 2.31 3.35
CA GLU A 148 22.94 1.81 2.04
C GLU A 148 21.43 1.95 2.01
N PHE A 149 20.76 1.92 3.18
CA PHE A 149 19.30 1.83 3.28
C PHE A 149 18.79 3.23 2.91
N ARG A 150 17.81 3.18 2.04
CA ARG A 150 16.92 4.28 1.67
C ARG A 150 15.85 4.33 2.78
N PHE A 151 15.76 5.47 3.44
CA PHE A 151 14.84 5.77 4.57
C PHE A 151 13.80 6.81 4.25
N ALA A 152 13.99 7.66 3.23
CA ALA A 152 13.19 8.89 3.13
C ALA A 152 13.18 9.37 1.70
N PRO A 153 12.18 10.18 1.34
CA PRO A 153 12.12 10.78 0.01
C PRO A 153 13.31 11.72 -0.25
N ASN A 154 13.84 12.36 0.78
CA ASN A 154 15.06 13.20 0.65
C ASN A 154 15.97 12.97 1.85
N HIS A 155 17.11 12.36 1.56
CA HIS A 155 18.15 12.03 2.55
C HIS A 155 18.97 13.26 2.92
N THR A 156 19.25 13.40 4.20
CA THR A 156 20.13 14.48 4.72
C THR A 156 21.11 13.84 5.67
N LYS A 157 22.22 14.52 5.89
CA LYS A 157 23.19 14.05 6.90
C LYS A 157 22.54 14.00 8.28
N GLU A 158 21.70 14.98 8.61
CA GLU A 158 21.01 15.06 9.92
C GLU A 158 20.11 13.82 10.12
N LEU A 159 19.44 13.36 9.05
CA LEU A 159 18.59 12.14 9.16
C LEU A 159 19.50 10.91 9.36
N GLU A 160 20.61 10.79 8.62
CA GLU A 160 21.53 9.64 8.79
C GLU A 160 22.06 9.59 10.22
N ASP A 161 22.43 10.73 10.79
CA ASP A 161 22.96 10.78 12.17
C ASP A 161 21.89 10.35 13.18
N LYS A 162 20.65 10.77 12.96
CA LYS A 162 19.56 10.46 13.90
C LYS A 162 19.24 8.97 13.84
N VAL A 163 19.25 8.37 12.64
CA VAL A 163 19.10 6.89 12.50
C VAL A 163 20.16 6.20 13.36
N ILE A 164 21.41 6.64 13.29
CA ILE A 164 22.50 5.96 14.04
C ILE A 164 22.27 6.13 15.53
N GLU A 165 21.93 7.35 15.98
CA GLU A 165 21.69 7.61 17.43
C GLU A 165 20.61 6.65 17.93
N LEU A 166 19.51 6.49 17.17
CA LEU A 166 18.39 5.65 17.64
C LEU A 166 18.80 4.19 17.55
N HIS A 167 19.59 3.81 16.56
CA HIS A 167 20.01 2.41 16.36
C HIS A 167 20.81 1.95 17.59
N LYS A 168 21.66 2.82 18.13
CA LYS A 168 22.45 2.50 19.34
C LYS A 168 21.54 2.05 20.48
N SER A 169 20.33 2.59 20.58
CA SER A 169 19.38 2.34 21.69
C SER A 169 18.71 0.96 21.54
N HIS A 170 18.85 0.27 20.39
CA HIS A 170 18.09 -0.98 20.10
C HIS A 170 18.94 -2.24 20.38
N ARG A 171 20.06 -2.13 21.10
CA ARG A 171 20.96 -3.31 21.32
C ARG A 171 20.17 -4.52 21.81
N GLY A 172 20.35 -5.69 21.18
CA GLY A 172 19.76 -6.97 21.59
C GLY A 172 18.40 -7.24 20.96
N MET A 173 17.86 -6.28 20.21
CA MET A 173 16.56 -6.42 19.51
C MET A 173 16.72 -7.41 18.34
N THR A 174 15.85 -8.41 18.26
CA THR A 174 15.86 -9.37 17.13
C THR A 174 15.13 -8.76 15.93
N PRO A 175 15.30 -9.34 14.71
CA PRO A 175 14.64 -8.81 13.53
C PRO A 175 13.13 -8.74 13.70
N ALA A 176 12.51 -9.77 14.27
CA ALA A 176 11.04 -9.82 14.46
C ALA A 176 10.57 -8.73 15.40
N GLU A 177 11.35 -8.45 16.45
CA GLU A 177 11.03 -7.41 17.47
C GLU A 177 11.13 -6.02 16.81
N ALA A 178 12.19 -5.78 16.03
CA ALA A 178 12.45 -4.46 15.39
C ALA A 178 11.33 -4.23 14.36
N GLU A 179 10.97 -5.26 13.61
CA GLU A 179 9.86 -5.19 12.60
C GLU A 179 8.56 -4.87 13.32
N MET A 180 8.27 -5.51 14.45
CA MET A 180 7.02 -5.20 15.19
C MET A 180 7.00 -3.73 15.65
N HIS A 181 8.11 -3.22 16.18
CA HIS A 181 8.26 -1.79 16.57
C HIS A 181 8.09 -0.86 15.35
N PHE A 182 8.68 -1.24 14.25
CA PHE A 182 8.53 -0.44 13.01
C PHE A 182 7.02 -0.32 12.75
N LEU A 183 6.28 -1.44 12.80
CA LEU A 183 4.88 -1.46 12.40
C LEU A 183 4.01 -0.71 13.41
N GLU A 184 4.30 -0.86 14.70
CA GLU A 184 3.57 -0.15 15.79
C GLU A 184 3.61 1.37 15.53
N ASN A 185 4.74 1.87 15.02
CA ASN A 185 4.91 3.30 14.71
C ASN A 185 4.21 3.63 13.37
N ALA A 186 4.45 2.82 12.34
CA ALA A 186 3.97 3.13 10.98
C ALA A 186 2.45 3.13 10.93
N LYS A 187 1.82 2.22 11.65
CA LYS A 187 0.35 2.02 11.62
C LYS A 187 -0.35 3.30 12.10
N LYS A 188 0.32 4.15 12.85
CA LYS A 188 -0.30 5.35 13.46
C LYS A 188 -0.31 6.53 12.51
N LEU A 189 0.46 6.46 11.43
CA LEU A 189 0.64 7.63 10.56
C LEU A 189 -0.69 7.91 9.85
N SER A 190 -1.03 9.18 9.67
CA SER A 190 -2.35 9.58 9.14
C SER A 190 -2.56 9.01 7.72
N MET A 191 -1.52 8.77 6.91
CA MET A 191 -1.75 8.20 5.54
C MET A 191 -1.47 6.69 5.49
N TYR A 192 -1.25 6.03 6.62
CA TYR A 192 -1.09 4.56 6.63
C TYR A 192 -2.27 3.86 5.96
N GLY A 193 -1.99 3.09 4.93
CA GLY A 193 -2.97 2.23 4.27
C GLY A 193 -3.98 3.04 3.47
N VAL A 194 -3.68 4.32 3.19
CA VAL A 194 -4.58 5.22 2.43
C VAL A 194 -4.16 5.21 0.96
N ASP A 195 -5.07 4.80 0.09
CA ASP A 195 -4.89 4.80 -1.39
C ASP A 195 -5.52 6.09 -1.92
N LEU A 196 -4.73 7.00 -2.51
CA LEU A 196 -5.23 8.33 -2.94
C LEU A 196 -5.59 8.35 -4.43
N HIS A 197 -6.72 8.94 -4.71
CA HIS A 197 -7.24 9.08 -6.10
C HIS A 197 -7.57 10.55 -6.36
N HIS A 198 -6.99 11.13 -7.42
CA HIS A 198 -7.34 12.47 -7.94
C HIS A 198 -8.78 12.51 -8.44
N ALA A 199 -9.51 13.55 -8.10
CA ALA A 199 -10.90 13.77 -8.59
C ALA A 199 -11.28 15.24 -8.48
N LYS A 200 -12.38 15.62 -9.10
CA LYS A 200 -13.00 16.94 -8.90
C LYS A 200 -14.34 16.73 -8.22
N ASP A 201 -14.71 17.65 -7.33
CA ASP A 201 -16.07 17.65 -6.71
C ASP A 201 -17.07 18.15 -7.75
N SER A 202 -18.36 18.22 -7.38
CA SER A 202 -19.50 18.57 -8.26
C SER A 202 -19.41 20.01 -8.77
N GLU A 203 -18.56 20.84 -8.16
CA GLU A 203 -18.28 22.24 -8.59
C GLU A 203 -16.99 22.32 -9.41
N GLY A 204 -16.34 21.18 -9.71
CA GLY A 204 -15.12 21.12 -10.52
C GLY A 204 -13.84 21.42 -9.75
N VAL A 205 -13.89 21.51 -8.42
CA VAL A 205 -12.72 21.82 -7.55
C VAL A 205 -11.93 20.52 -7.31
N GLU A 206 -10.61 20.55 -7.51
CA GLU A 206 -9.69 19.39 -7.35
C GLU A 206 -9.74 18.95 -5.89
N ILE A 207 -10.00 17.67 -5.67
CA ILE A 207 -9.95 17.02 -4.33
C ILE A 207 -9.13 15.74 -4.47
N MET A 208 -8.84 15.10 -3.34
CA MET A 208 -8.28 13.75 -3.32
C MET A 208 -9.28 12.88 -2.57
N LEU A 209 -9.57 11.71 -3.11
CA LEU A 209 -10.36 10.69 -2.39
C LEU A 209 -9.41 9.62 -1.85
N GLY A 210 -9.48 9.32 -0.57
CA GLY A 210 -8.60 8.31 0.01
C GLY A 210 -9.44 7.12 0.39
N VAL A 211 -8.96 5.92 0.02
CA VAL A 211 -9.67 4.67 0.33
C VAL A 211 -8.80 3.91 1.34
N CYS A 212 -9.42 3.42 2.40
CA CYS A 212 -8.66 2.67 3.43
C CYS A 212 -9.62 1.74 4.14
N ALA A 213 -9.09 0.91 5.03
CA ALA A 213 -9.86 -0.05 5.84
C ALA A 213 -11.04 0.60 6.60
N SER A 214 -10.89 1.82 7.12
CA SER A 214 -11.90 2.42 8.01
C SER A 214 -13.02 3.05 7.19
N GLY A 215 -12.69 3.51 5.97
CA GLY A 215 -13.72 4.16 5.14
C GLY A 215 -13.14 5.00 4.02
N LEU A 216 -13.87 6.06 3.68
CA LEU A 216 -13.57 7.00 2.57
C LEU A 216 -13.31 8.39 3.15
N LEU A 217 -12.24 9.03 2.71
CA LEU A 217 -11.90 10.43 3.08
C LEU A 217 -12.03 11.30 1.83
N ILE A 218 -12.66 12.46 1.98
CA ILE A 218 -12.67 13.52 0.92
C ILE A 218 -11.79 14.66 1.43
N TYR A 219 -10.55 14.72 0.95
CA TYR A 219 -9.58 15.79 1.29
C TYR A 219 -9.88 17.01 0.40
N ARG A 220 -10.55 18.00 0.97
CA ARG A 220 -10.93 19.27 0.28
C ARG A 220 -9.80 20.30 0.48
N ASP A 221 -9.38 20.54 1.72
CA ASP A 221 -8.21 21.39 2.05
C ASP A 221 -7.69 20.99 3.43
N ARG A 222 -6.75 21.75 4.00
CA ARG A 222 -6.09 21.38 5.28
C ARG A 222 -7.10 21.44 6.42
N LEU A 223 -8.14 22.27 6.29
CA LEU A 223 -9.17 22.49 7.36
C LEU A 223 -10.40 21.60 7.11
N ARG A 224 -10.57 21.10 5.89
CA ARG A 224 -11.81 20.42 5.43
C ARG A 224 -11.49 19.04 4.86
N ILE A 225 -11.66 18.01 5.69
CA ILE A 225 -11.45 16.58 5.34
C ILE A 225 -12.70 15.83 5.79
N ASN A 226 -13.62 15.55 4.87
CA ASN A 226 -14.84 14.74 5.10
C ASN A 226 -14.40 13.29 5.30
N ARG A 227 -14.91 12.64 6.35
CA ARG A 227 -14.62 11.22 6.64
C ARG A 227 -15.95 10.47 6.69
N PHE A 228 -16.05 9.36 5.95
CA PHE A 228 -17.26 8.50 5.98
C PHE A 228 -16.77 7.10 6.32
N ALA A 229 -16.91 6.70 7.58
CA ALA A 229 -16.67 5.31 8.02
C ALA A 229 -17.51 4.39 7.12
N TRP A 230 -17.05 3.18 6.85
CA TRP A 230 -17.75 2.28 5.91
C TRP A 230 -19.24 2.13 6.28
N PRO A 231 -19.65 1.99 7.55
CA PRO A 231 -21.08 1.79 7.85
C PRO A 231 -21.98 2.92 7.33
N LYS A 232 -21.44 4.13 7.18
CA LYS A 232 -22.16 5.33 6.68
C LYS A 232 -22.32 5.26 5.16
N VAL A 233 -21.56 4.40 4.46
CA VAL A 233 -21.64 4.32 2.97
C VAL A 233 -22.69 3.28 2.58
N LEU A 234 -23.87 3.71 2.11
CA LEU A 234 -24.94 2.79 1.67
C LEU A 234 -24.51 2.07 0.40
N LYS A 235 -23.93 2.82 -0.53
CA LYS A 235 -23.73 2.35 -1.91
C LYS A 235 -22.72 3.25 -2.61
N ILE A 236 -21.98 2.60 -3.51
CA ILE A 236 -20.91 3.14 -4.40
C ILE A 236 -21.36 2.88 -5.83
N SER A 237 -20.98 3.71 -6.79
CA SER A 237 -21.27 3.40 -8.21
C SER A 237 -20.43 4.28 -9.13
N TYR A 238 -20.23 3.85 -10.36
CA TYR A 238 -19.56 4.69 -11.36
C TYR A 238 -20.47 4.73 -12.59
N LYS A 239 -20.43 5.84 -13.31
CA LYS A 239 -21.11 6.03 -14.61
C LYS A 239 -20.25 6.97 -15.46
N ARG A 240 -19.88 6.55 -16.67
CA ARG A 240 -18.95 7.29 -17.56
C ARG A 240 -17.76 7.74 -16.69
N ASN A 241 -17.52 9.05 -16.53
CA ASN A 241 -16.32 9.55 -15.81
C ASN A 241 -16.65 9.89 -14.36
N ASN A 242 -17.82 9.50 -13.90
CA ASN A 242 -18.36 9.95 -12.59
C ASN A 242 -18.37 8.78 -11.59
N PHE A 243 -18.05 9.14 -10.37
CA PHE A 243 -18.05 8.24 -9.21
C PHE A 243 -19.01 8.85 -8.18
N TYR A 244 -19.94 8.06 -7.68
CA TYR A 244 -20.98 8.46 -6.71
C TYR A 244 -20.92 7.58 -5.47
N ILE A 245 -21.06 8.25 -4.33
CA ILE A 245 -21.23 7.60 -3.03
C ILE A 245 -22.55 8.09 -2.44
N LYS A 246 -23.36 7.15 -1.96
CA LYS A 246 -24.63 7.42 -1.22
C LYS A 246 -24.37 7.20 0.26
N ILE A 247 -24.63 8.25 1.07
CA ILE A 247 -24.30 8.33 2.52
C ILE A 247 -25.60 8.26 3.31
N ARG A 248 -25.67 7.41 4.35
CA ARG A 248 -26.86 7.29 5.23
C ARG A 248 -27.26 8.66 5.76
N PRO A 249 -28.58 8.90 5.93
CA PRO A 249 -29.05 10.16 6.51
C PRO A 249 -28.50 10.35 7.93
N GLY A 250 -28.01 11.56 8.22
CA GLY A 250 -27.64 12.02 9.57
C GLY A 250 -28.88 12.34 10.39
N GLU A 251 -28.68 12.67 11.67
CA GLU A 251 -29.78 12.91 12.64
C GLU A 251 -30.70 14.01 12.11
N PHE A 252 -30.20 14.90 11.24
CA PHE A 252 -30.96 16.09 10.77
C PHE A 252 -31.41 15.87 9.32
N GLU A 253 -31.21 14.66 8.79
CA GLU A 253 -31.51 14.28 7.38
C GLU A 253 -32.72 13.38 7.35
N GLN A 254 -33.50 13.42 6.27
CA GLN A 254 -34.66 12.52 6.05
C GLN A 254 -34.28 11.38 5.08
N PHE A 255 -33.58 11.70 3.99
CA PHE A 255 -33.15 10.73 2.96
C PHE A 255 -31.62 10.68 2.90
N GLU A 256 -31.04 9.57 2.42
CA GLU A 256 -29.58 9.58 2.12
C GLU A 256 -29.17 10.79 1.28
N SER A 257 -27.88 11.15 1.33
CA SER A 257 -27.27 12.19 0.46
C SER A 257 -26.41 11.48 -0.60
N THR A 258 -26.27 12.09 -1.75
CA THR A 258 -25.37 11.61 -2.83
C THR A 258 -24.26 12.65 -2.98
N ILE A 259 -23.02 12.17 -2.99
CA ILE A 259 -21.85 13.00 -3.31
C ILE A 259 -21.31 12.46 -4.62
N GLY A 260 -21.15 13.35 -5.59
CA GLY A 260 -20.63 12.98 -6.92
C GLY A 260 -19.25 13.53 -7.13
N PHE A 261 -18.45 12.80 -7.90
CA PHE A 261 -17.07 13.16 -8.22
C PHE A 261 -16.83 12.87 -9.70
N LYS A 262 -16.01 13.74 -10.29
CA LYS A 262 -15.58 13.64 -11.70
C LYS A 262 -14.14 13.12 -11.68
N LEU A 263 -13.92 11.97 -12.30
CA LEU A 263 -12.57 11.39 -12.48
C LEU A 263 -12.09 11.76 -13.88
N PRO A 264 -10.76 11.66 -14.10
CA PRO A 264 -10.13 11.96 -15.39
C PRO A 264 -10.71 11.25 -16.62
N ASN A 265 -11.12 10.01 -16.44
CA ASN A 265 -11.58 9.14 -17.54
C ASN A 265 -12.36 8.01 -16.92
N HIS A 266 -13.06 7.27 -17.77
CA HIS A 266 -13.94 6.16 -17.36
C HIS A 266 -13.15 5.09 -16.60
N ARG A 267 -11.91 4.85 -17.01
CA ARG A 267 -11.04 3.79 -16.44
C ARG A 267 -10.66 4.19 -15.01
N ALA A 268 -10.28 5.45 -14.78
CA ALA A 268 -9.96 5.96 -13.43
C ALA A 268 -11.20 5.87 -12.51
N ALA A 269 -12.42 6.06 -13.02
CA ALA A 269 -13.67 5.92 -12.22
C ALA A 269 -13.86 4.45 -11.87
N LYS A 270 -13.68 3.56 -12.84
CA LYS A 270 -13.95 2.11 -12.60
C LYS A 270 -12.93 1.59 -11.57
N ARG A 271 -11.67 1.98 -11.70
CA ARG A 271 -10.55 1.59 -10.80
C ARG A 271 -10.89 2.03 -9.36
N LEU A 272 -11.34 3.27 -9.21
CA LEU A 272 -11.73 3.81 -7.87
C LEU A 272 -12.87 2.96 -7.32
N TRP A 273 -13.93 2.72 -8.10
CA TRP A 273 -15.09 1.92 -7.65
C TRP A 273 -14.61 0.56 -7.16
N LYS A 274 -13.71 -0.09 -7.90
CA LYS A 274 -13.33 -1.48 -7.58
C LYS A 274 -12.51 -1.52 -6.28
N VAL A 275 -11.62 -0.56 -6.06
CA VAL A 275 -10.78 -0.55 -4.82
C VAL A 275 -11.69 -0.20 -3.64
N CYS A 276 -12.75 0.58 -3.87
CA CYS A 276 -13.71 0.88 -2.79
C CYS A 276 -14.47 -0.40 -2.42
N VAL A 277 -15.05 -1.08 -3.40
CA VAL A 277 -15.78 -2.36 -3.15
C VAL A 277 -14.87 -3.30 -2.37
N GLU A 278 -13.62 -3.46 -2.81
CA GLU A 278 -12.68 -4.43 -2.22
C GLU A 278 -12.37 -4.08 -0.77
N HIS A 279 -12.15 -2.80 -0.46
CA HIS A 279 -11.83 -2.32 0.90
C HIS A 279 -13.07 -2.40 1.79
N HIS A 280 -14.26 -2.21 1.19
CA HIS A 280 -15.55 -2.34 1.94
C HIS A 280 -15.70 -3.81 2.39
N THR A 281 -15.37 -4.76 1.53
CA THR A 281 -15.44 -6.21 1.86
C THR A 281 -14.41 -6.50 2.96
N PHE A 282 -13.19 -6.00 2.84
CA PHE A 282 -12.13 -6.15 3.87
C PHE A 282 -12.68 -5.69 5.22
N PHE A 283 -13.25 -4.47 5.26
CA PHE A 283 -13.89 -3.88 6.45
C PHE A 283 -14.90 -4.85 7.04
N ARG A 284 -15.79 -5.40 6.20
CA ARG A 284 -16.86 -6.34 6.66
C ARG A 284 -16.26 -7.61 7.28
N LEU A 285 -14.98 -7.94 7.01
CA LEU A 285 -14.25 -9.14 7.54
C LEU A 285 -13.62 -8.85 8.90
N LEU A 286 -13.48 -7.57 9.28
CA LEU A 286 -12.80 -7.12 10.53
C LEU A 286 -13.70 -7.39 11.75
#